data_3ZKP
#
_entry.id   3ZKP
#
_cell.length_a   57.753
_cell.length_b   36.597
_cell.length_c   96.273
_cell.angle_alpha   90.00
_cell.angle_beta   92.93
_cell.angle_gamma   90.00
#
_symmetry.space_group_name_H-M   'P 1 21 1'
#
loop_
_entity.id
_entity.type
_entity.pdbx_description
1 polymer 'ERYTHROMYCIN C-12 HYDROXYLASE'
2 non-polymer 'PROTOPORPHYRIN IX CONTAINING FE'
3 non-polymer 'Erythromycin B'
4 water water
#
_entity_poly.entity_id   1
_entity_poly.type   'polypeptide(L)'
_entity_poly.pdbx_seq_one_letter_code
;MFADVETTCCARRTLTTIDEVPGMADETALLDWLGTMREKQPVWQDRYGVWHVFRHADVQTVLRDTATFSSDPTRVIEGA
SPTPGAIHEIDPPEHRALRKVVSSAFTPRTISDLEPRIRDVTRSLLADAGESFDLVDVLAFPLPVTIVAELLGLPPMDHE
QFGDWSGALVDIQMDDPTDPALAERIADVLNPLTAYLKARCAERRADPGDDLISRLVLAEVDGRALDDEEAANFSTALLL
AGHITTTVLLGNIVRTLDEHPAHWDAAAEDPGRIPAIVEEVLRYRPPFPQMQRTTTKATEVAGVPIPADVMVNTWVLSAN
RDSDAHDDPDRFDPSRKSGGAAQLSFGHGVHFCLGAPLARLENRVALEEIIARFGRLTVDRDDERLRHFEQIVLGTRHLP
VLAGSSPRQSA
;
_entity_poly.pdbx_strand_id   A
#
# COMPACT_ATOMS: atom_id res chain seq x y z
N VAL A 21 20.89 -6.05 6.79
N VAL A 21 21.15 -6.56 7.66
CA VAL A 21 19.44 -5.82 7.09
CA VAL A 21 19.76 -5.97 7.58
C VAL A 21 18.67 -7.13 6.89
C VAL A 21 18.76 -7.00 7.04
N PRO A 22 17.98 -7.62 7.94
CA PRO A 22 17.11 -8.78 7.67
C PRO A 22 16.08 -8.48 6.58
N GLY A 23 15.80 -9.47 5.74
CA GLY A 23 14.77 -9.31 4.71
C GLY A 23 13.37 -9.26 5.36
N MET A 24 12.38 -8.81 4.59
CA MET A 24 10.99 -8.70 5.06
C MET A 24 10.37 -10.03 5.50
N ALA A 25 10.86 -11.14 4.95
CA ALA A 25 10.22 -12.45 5.14
C ALA A 25 10.42 -13.02 6.54
N ASP A 26 11.52 -12.66 7.20
CA ASP A 26 11.72 -13.08 8.59
CA ASP A 26 11.77 -13.07 8.58
C ASP A 26 11.37 -11.94 9.52
N GLU A 27 10.07 -11.80 9.77
CA GLU A 27 9.52 -10.70 10.55
C GLU A 27 10.16 -10.55 11.93
N THR A 28 10.26 -11.66 12.66
CA THR A 28 10.80 -11.65 14.02
C THR A 28 12.22 -11.07 14.01
N ALA A 29 13.09 -11.62 13.18
CA ALA A 29 14.46 -11.12 13.02
C ALA A 29 14.49 -9.63 12.63
N LEU A 30 13.59 -9.24 11.73
CA LEU A 30 13.54 -7.86 11.27
C LEU A 30 13.14 -6.93 12.40
N LEU A 31 12.08 -7.30 13.13
CA LEU A 31 11.62 -6.49 14.26
C LEU A 31 12.69 -6.37 15.36
N ASP A 32 13.41 -7.46 15.62
CA ASP A 32 14.52 -7.49 16.59
CA ASP A 32 14.46 -7.41 16.64
C ASP A 32 15.58 -6.45 16.21
N TRP A 33 16.02 -6.53 14.96
CA TRP A 33 17.01 -5.59 14.40
C TRP A 33 16.57 -4.12 14.51
N LEU A 34 15.35 -3.82 14.07
CA LEU A 34 14.80 -2.45 14.15
C LEU A 34 14.78 -1.91 15.57
N GLY A 35 14.43 -2.79 16.52
CA GLY A 35 14.43 -2.43 17.94
C GLY A 35 15.81 -2.03 18.46
N THR A 36 16.84 -2.79 18.08
CA THR A 36 18.21 -2.42 18.52
CA THR A 36 18.22 -2.46 18.49
C THR A 36 18.70 -1.15 17.83
N MET A 37 18.31 -0.95 16.56
CA MET A 37 18.62 0.31 15.89
C MET A 37 17.94 1.52 16.54
N ARG A 38 16.68 1.38 16.94
CA ARG A 38 16.02 2.48 17.68
C ARG A 38 16.79 2.92 18.94
N GLU A 39 17.39 1.94 19.62
CA GLU A 39 18.18 2.16 20.83
CA GLU A 39 18.16 2.20 20.84
C GLU A 39 19.58 2.69 20.52
N LYS A 40 20.25 2.01 19.61
CA LYS A 40 21.71 2.15 19.45
CA LYS A 40 21.70 2.20 19.46
C LYS A 40 22.16 3.00 18.26
N GLN A 41 21.33 3.07 17.23
CA GLN A 41 21.70 3.80 16.03
C GLN A 41 20.48 4.31 15.26
N PRO A 42 19.79 5.29 15.83
CA PRO A 42 18.51 5.73 15.28
C PRO A 42 18.54 6.37 13.89
N VAL A 43 19.71 6.75 13.40
CA VAL A 43 19.93 7.28 12.06
C VAL A 43 21.19 6.59 11.54
N TRP A 44 21.01 5.70 10.56
CA TRP A 44 22.03 4.79 10.11
C TRP A 44 22.30 4.91 8.61
N GLN A 45 23.58 5.00 8.24
CA GLN A 45 24.00 5.04 6.85
C GLN A 45 24.42 3.63 6.44
N ASP A 46 23.80 3.09 5.40
CA ASP A 46 24.13 1.74 4.92
C ASP A 46 25.28 1.75 3.91
N ARG A 47 25.61 0.57 3.36
CA ARG A 47 26.78 0.44 2.48
CA ARG A 47 26.77 0.43 2.48
C ARG A 47 26.61 1.12 1.13
N TYR A 48 25.37 1.49 0.81
CA TYR A 48 25.07 2.15 -0.46
C TYR A 48 25.02 3.67 -0.32
N GLY A 49 25.25 4.15 0.90
CA GLY A 49 25.09 5.58 1.21
C GLY A 49 23.64 6.00 1.40
N VAL A 50 22.76 5.03 1.64
CA VAL A 50 21.35 5.29 1.99
C VAL A 50 21.18 5.47 3.52
N TRP A 51 20.44 6.49 3.93
CA TRP A 51 20.31 6.85 5.33
C TRP A 51 18.96 6.44 5.93
N HIS A 52 19.00 5.56 6.93
CA HIS A 52 17.80 4.96 7.52
C HIS A 52 17.40 5.66 8.81
N VAL A 53 16.10 5.90 8.94
CA VAL A 53 15.53 6.62 10.09
C VAL A 53 14.52 5.72 10.80
N PHE A 54 14.74 5.47 12.10
CA PHE A 54 14.03 4.40 12.86
C PHE A 54 13.01 4.82 13.92
N ARG A 55 13.15 6.02 14.48
CA ARG A 55 12.26 6.47 15.56
C ARG A 55 11.04 7.18 15.01
N HIS A 56 9.91 7.01 15.69
CA HIS A 56 8.63 7.64 15.29
C HIS A 56 8.74 9.16 15.11
N ALA A 57 9.32 9.85 16.10
CA ALA A 57 9.43 11.33 16.07
C ALA A 57 10.25 11.80 14.87
N ASP A 58 11.31 11.04 14.55
CA ASP A 58 12.22 11.40 13.48
C ASP A 58 11.59 11.11 12.11
N VAL A 59 10.87 9.99 12.00
CA VAL A 59 10.11 9.70 10.79
C VAL A 59 9.10 10.81 10.51
N GLN A 60 8.38 11.27 11.53
CA GLN A 60 7.43 12.38 11.35
C GLN A 60 8.13 13.67 10.89
N THR A 61 9.27 13.98 11.51
CA THR A 61 10.10 15.13 11.13
C THR A 61 10.44 15.12 9.64
N VAL A 62 10.93 13.99 9.16
CA VAL A 62 11.36 13.80 7.78
C VAL A 62 10.14 13.95 6.86
N LEU A 63 9.06 13.26 7.19
CA LEU A 63 7.89 13.23 6.30
C LEU A 63 7.20 14.60 6.19
N ARG A 64 7.21 15.37 7.28
CA ARG A 64 6.62 16.70 7.28
CA ARG A 64 6.63 16.72 7.34
C ARG A 64 7.42 17.75 6.51
N ASP A 65 8.74 17.61 6.48
CA ASP A 65 9.62 18.61 5.86
C ASP A 65 9.94 18.31 4.40
N THR A 66 9.05 18.70 3.48
CA THR A 66 9.19 18.32 2.07
C THR A 66 10.22 19.16 1.33
N ALA A 67 10.49 20.38 1.82
CA ALA A 67 11.52 21.25 1.23
C ALA A 67 12.90 20.62 1.37
N THR A 68 13.15 20.04 2.54
CA THR A 68 14.42 19.36 2.80
C THR A 68 14.41 17.93 2.28
N PHE A 69 13.30 17.21 2.51
CA PHE A 69 13.21 15.80 2.12
C PHE A 69 12.22 15.61 0.96
N SER A 70 12.76 15.66 -0.26
CA SER A 70 12.01 15.50 -1.51
C SER A 70 11.50 14.07 -1.71
N SER A 71 10.33 13.93 -2.34
CA SER A 71 9.79 12.64 -2.73
C SER A 71 10.35 12.11 -4.06
N ASP A 72 11.15 12.92 -4.74
CA ASP A 72 11.74 12.60 -6.05
C ASP A 72 13.07 11.83 -5.95
N PRO A 73 13.06 10.52 -6.25
CA PRO A 73 14.28 9.74 -6.08
C PRO A 73 15.30 10.08 -7.17
N THR A 74 14.84 10.60 -8.31
CA THR A 74 15.68 10.78 -9.50
C THR A 74 16.78 11.80 -9.26
N ARG A 75 16.60 12.61 -8.22
CA ARG A 75 17.59 13.60 -7.80
CA ARG A 75 17.60 13.60 -7.84
C ARG A 75 18.95 12.98 -7.54
N VAL A 76 18.96 11.74 -7.05
CA VAL A 76 20.18 11.05 -6.64
C VAL A 76 20.50 9.84 -7.51
N ILE A 77 19.75 9.67 -8.59
CA ILE A 77 19.97 8.59 -9.55
C ILE A 77 20.58 9.20 -10.82
N GLU A 78 21.89 9.04 -11.01
CA GLU A 78 22.56 9.65 -12.16
CA GLU A 78 22.61 9.58 -12.16
C GLU A 78 22.04 9.09 -13.48
N GLY A 79 21.64 10.03 -14.35
CA GLY A 79 21.07 9.68 -15.63
C GLY A 79 19.56 9.67 -15.64
N ALA A 80 18.94 9.55 -14.46
CA ALA A 80 17.48 9.55 -14.39
C ALA A 80 16.92 10.95 -14.18
N SER A 81 15.85 11.21 -14.92
CA SER A 81 15.13 12.47 -14.85
CA SER A 81 15.10 12.47 -14.91
C SER A 81 13.75 12.26 -14.22
N PRO A 82 13.17 13.34 -13.61
CA PRO A 82 11.82 13.20 -13.00
C PRO A 82 10.77 12.57 -13.93
N THR A 83 9.92 11.72 -13.35
CA THR A 83 8.83 11.07 -14.09
C THR A 83 7.59 11.96 -14.08
N PRO A 84 7.20 12.47 -15.27
CA PRO A 84 6.03 13.36 -15.40
C PRO A 84 4.75 12.67 -14.91
N GLY A 85 3.98 13.37 -14.07
CA GLY A 85 2.74 12.81 -13.52
C GLY A 85 2.83 11.80 -12.39
N ALA A 86 4.05 11.50 -11.93
CA ALA A 86 4.24 10.59 -10.80
C ALA A 86 3.95 11.30 -9.47
N ILE A 87 2.67 11.38 -9.10
CA ILE A 87 2.22 12.19 -7.95
C ILE A 87 3.04 11.93 -6.67
N HIS A 88 3.37 10.65 -6.47
CA HIS A 88 4.11 10.18 -5.30
CA HIS A 88 4.12 10.18 -5.30
C HIS A 88 5.58 10.62 -5.28
N GLU A 89 6.05 11.18 -6.41
CA GLU A 89 7.43 11.65 -6.56
C GLU A 89 7.55 13.17 -6.82
N ILE A 90 6.41 13.84 -6.74
CA ILE A 90 6.33 15.28 -6.99
C ILE A 90 6.18 16.07 -5.68
N ASP A 91 6.95 17.15 -5.54
CA ASP A 91 6.95 18.00 -4.35
C ASP A 91 6.08 19.25 -4.49
N PRO A 92 5.69 19.87 -3.36
CA PRO A 92 5.09 21.20 -3.49
C PRO A 92 6.04 22.21 -4.18
N PRO A 93 5.50 23.18 -4.93
CA PRO A 93 4.07 23.51 -5.13
C PRO A 93 3.34 22.77 -6.25
N GLU A 94 4.05 22.02 -7.10
CA GLU A 94 3.40 21.26 -8.19
CA GLU A 94 3.42 21.23 -8.20
C GLU A 94 2.46 20.16 -7.68
N HIS A 95 2.81 19.55 -6.54
CA HIS A 95 2.02 18.47 -5.96
C HIS A 95 0.52 18.78 -5.71
N ARG A 96 0.26 19.95 -5.17
CA ARG A 96 -1.09 20.26 -4.84
CA ARG A 96 -1.07 20.38 -4.81
C ARG A 96 -2.03 20.37 -6.02
N ALA A 97 -1.59 20.92 -7.12
CA ALA A 97 -2.43 20.97 -8.33
C ALA A 97 -2.74 19.57 -8.89
N LEU A 98 -1.75 18.67 -8.92
CA LEU A 98 -1.95 17.30 -9.38
C LEU A 98 -2.89 16.51 -8.46
N ARG A 99 -2.65 16.57 -7.15
CA ARG A 99 -3.55 15.89 -6.20
C ARG A 99 -5.00 16.39 -6.33
N LYS A 100 -5.15 17.70 -6.56
CA LYS A 100 -6.47 18.31 -6.70
CA LYS A 100 -6.46 18.33 -6.72
C LYS A 100 -7.26 17.74 -7.90
N VAL A 101 -6.56 17.21 -8.90
CA VAL A 101 -7.26 16.53 -10.02
C VAL A 101 -8.20 15.41 -9.53
N VAL A 102 -7.75 14.63 -8.56
CA VAL A 102 -8.47 13.41 -8.18
C VAL A 102 -9.04 13.41 -6.74
N SER A 103 -8.68 14.40 -5.92
CA SER A 103 -9.01 14.29 -4.50
C SER A 103 -10.52 14.12 -4.20
N SER A 104 -11.38 14.75 -5.00
CA SER A 104 -12.84 14.63 -4.80
C SER A 104 -13.38 13.22 -5.02
N ALA A 105 -12.64 12.40 -5.76
CA ALA A 105 -13.03 10.99 -5.98
C ALA A 105 -12.90 10.18 -4.71
N PHE A 106 -12.11 10.68 -3.76
CA PHE A 106 -11.66 9.89 -2.62
C PHE A 106 -12.21 10.34 -1.28
N THR A 107 -13.13 11.30 -1.29
CA THR A 107 -13.74 11.78 -0.05
C THR A 107 -14.58 10.70 0.64
N PRO A 108 -14.64 10.72 1.99
CA PRO A 108 -15.43 9.73 2.71
C PRO A 108 -16.90 9.58 2.22
N ARG A 109 -17.54 10.70 1.86
CA ARG A 109 -18.95 10.63 1.40
C ARG A 109 -19.09 9.91 0.07
N THR A 110 -18.16 10.18 -0.84
CA THR A 110 -18.17 9.59 -2.17
C THR A 110 -17.79 8.10 -2.10
N ILE A 111 -16.78 7.80 -1.30
CA ILE A 111 -16.33 6.42 -1.07
C ILE A 111 -17.43 5.58 -0.40
N SER A 112 -18.16 6.20 0.52
CA SER A 112 -19.20 5.48 1.27
CA SER A 112 -19.22 5.52 1.27
C SER A 112 -20.27 4.90 0.33
N ASP A 113 -20.47 5.54 -0.83
CA ASP A 113 -21.40 5.08 -1.86
C ASP A 113 -20.97 3.74 -2.49
N LEU A 114 -19.69 3.41 -2.32
CA LEU A 114 -19.16 2.17 -2.85
C LEU A 114 -19.41 0.95 -1.93
N GLU A 115 -19.91 1.18 -0.72
CA GLU A 115 -20.12 0.06 0.22
C GLU A 115 -20.95 -1.11 -0.34
N PRO A 116 -22.14 -0.83 -0.92
CA PRO A 116 -22.94 -1.92 -1.46
C PRO A 116 -22.20 -2.79 -2.48
N ARG A 117 -21.49 -2.17 -3.41
CA ARG A 117 -20.74 -2.93 -4.44
C ARG A 117 -19.55 -3.71 -3.87
N ILE A 118 -18.81 -3.09 -2.95
CA ILE A 118 -17.70 -3.79 -2.24
C ILE A 118 -18.24 -5.02 -1.54
N ARG A 119 -19.39 -4.88 -0.87
CA ARG A 119 -20.00 -5.99 -0.14
C ARG A 119 -20.49 -7.11 -1.06
N ASP A 120 -21.15 -6.73 -2.16
CA ASP A 120 -21.61 -7.66 -3.20
C ASP A 120 -20.43 -8.45 -3.79
N VAL A 121 -19.33 -7.77 -4.15
CA VAL A 121 -18.15 -8.48 -4.68
C VAL A 121 -17.56 -9.45 -3.64
N THR A 122 -17.39 -8.99 -2.41
CA THR A 122 -16.83 -9.78 -1.32
C THR A 122 -17.68 -11.02 -1.05
N ARG A 123 -19.00 -10.83 -0.92
CA ARG A 123 -19.89 -11.93 -0.55
C ARG A 123 -19.92 -13.03 -1.61
N SER A 124 -19.96 -12.62 -2.89
CA SER A 124 -19.96 -13.57 -4.02
C SER A 124 -18.65 -14.35 -4.12
N LEU A 125 -17.51 -13.67 -3.96
CA LEU A 125 -16.20 -14.30 -3.97
C LEU A 125 -16.05 -15.35 -2.87
N LEU A 126 -16.46 -15.00 -1.66
CA LEU A 126 -16.40 -15.90 -0.51
C LEU A 126 -17.37 -17.10 -0.58
N ALA A 127 -18.57 -16.85 -1.12
CA ALA A 127 -19.61 -17.90 -1.22
C ALA A 127 -19.18 -19.14 -1.99
N ASP A 128 -18.24 -19.00 -2.91
CA ASP A 128 -17.79 -20.15 -3.69
CA ASP A 128 -17.75 -20.09 -3.75
C ASP A 128 -16.49 -20.77 -3.18
N ALA A 129 -15.98 -20.33 -2.02
N ALA A 129 -16.04 -20.24 -2.04
CA ALA A 129 -14.66 -20.75 -1.55
CA ALA A 129 -14.93 -20.79 -1.29
C ALA A 129 -14.47 -22.23 -1.13
C ALA A 129 -15.47 -21.73 -0.23
N GLY A 130 -15.43 -22.78 -0.41
N GLY A 130 -15.19 -23.01 -0.44
CA GLY A 130 -15.21 -24.06 0.27
CA GLY A 130 -15.53 -24.04 0.51
C GLY A 130 -14.53 -23.79 1.60
C GLY A 130 -14.83 -23.79 1.83
N GLU A 131 -14.23 -24.84 2.36
CA GLU A 131 -13.75 -24.65 3.74
CA GLU A 131 -13.75 -24.85 3.76
C GLU A 131 -12.23 -24.73 3.91
N SER A 132 -11.53 -24.99 2.81
CA SER A 132 -10.09 -24.88 2.75
CA SER A 132 -10.08 -24.90 2.74
C SER A 132 -9.75 -24.12 1.46
N PHE A 133 -9.11 -22.96 1.62
CA PHE A 133 -8.80 -22.11 0.46
C PHE A 133 -7.68 -21.10 0.75
N ASP A 134 -7.09 -20.56 -0.32
CA ASP A 134 -6.13 -19.47 -0.22
C ASP A 134 -6.90 -18.13 -0.11
N LEU A 135 -6.79 -17.45 1.02
CA LEU A 135 -7.47 -16.17 1.19
C LEU A 135 -7.10 -15.14 0.12
N VAL A 136 -5.85 -15.18 -0.35
CA VAL A 136 -5.36 -14.23 -1.33
C VAL A 136 -6.01 -14.47 -2.71
N ASP A 137 -5.88 -15.69 -3.25
CA ASP A 137 -6.48 -15.98 -4.55
C ASP A 137 -8.00 -15.83 -4.56
N VAL A 138 -8.66 -16.21 -3.47
CA VAL A 138 -10.13 -16.15 -3.38
C VAL A 138 -10.53 -14.65 -3.28
N LEU A 139 -10.12 -13.99 -2.19
CA LEU A 139 -10.61 -12.63 -1.92
C LEU A 139 -9.66 -11.44 -1.88
N ALA A 140 -8.46 -11.60 -1.38
CA ALA A 140 -7.62 -10.45 -0.99
C ALA A 140 -7.04 -9.84 -2.27
N PHE A 141 -6.80 -10.67 -3.29
CA PHE A 141 -6.41 -10.14 -4.59
C PHE A 141 -7.60 -9.61 -5.43
N PRO A 142 -8.61 -10.47 -5.73
CA PRO A 142 -9.72 -10.04 -6.61
C PRO A 142 -10.54 -8.85 -6.12
N LEU A 143 -10.76 -8.72 -4.81
CA LEU A 143 -11.60 -7.61 -4.34
C LEU A 143 -10.99 -6.23 -4.67
N PRO A 144 -9.78 -5.92 -4.15
CA PRO A 144 -9.19 -4.58 -4.40
C PRO A 144 -8.92 -4.30 -5.89
N VAL A 145 -8.49 -5.32 -6.63
CA VAL A 145 -8.29 -5.13 -8.06
CA VAL A 145 -8.32 -5.21 -8.08
C VAL A 145 -9.61 -4.81 -8.79
N THR A 146 -10.70 -5.48 -8.43
CA THR A 146 -12.01 -5.14 -9.03
C THR A 146 -12.39 -3.69 -8.68
N ILE A 147 -12.18 -3.30 -7.42
CA ILE A 147 -12.70 -2.01 -7.00
C ILE A 147 -11.92 -0.85 -7.66
N VAL A 148 -10.60 -1.01 -7.73
CA VAL A 148 -9.80 0.02 -8.37
C VAL A 148 -9.97 0.01 -9.90
N ALA A 149 -10.14 -1.17 -10.50
CA ALA A 149 -10.44 -1.22 -11.96
C ALA A 149 -11.74 -0.49 -12.24
N GLU A 150 -12.74 -0.73 -11.40
CA GLU A 150 -14.03 -0.05 -11.55
C GLU A 150 -13.95 1.46 -11.31
N LEU A 151 -13.14 1.88 -10.33
CA LEU A 151 -12.85 3.30 -10.11
C LEU A 151 -12.24 4.01 -11.35
N LEU A 152 -11.34 3.30 -12.03
CA LEU A 152 -10.66 3.80 -13.23
C LEU A 152 -11.36 3.45 -14.55
N GLY A 153 -12.52 2.81 -14.49
CA GLY A 153 -13.27 2.44 -15.69
C GLY A 153 -12.64 1.37 -16.58
N LEU A 154 -11.92 0.42 -16.00
CA LEU A 154 -11.31 -0.70 -16.74
C LEU A 154 -12.09 -2.04 -16.62
N PRO A 155 -12.01 -2.92 -17.65
CA PRO A 155 -12.76 -4.19 -17.72
C PRO A 155 -12.21 -5.37 -16.91
N PRO A 156 -13.12 -6.24 -16.39
CA PRO A 156 -12.79 -7.45 -15.62
C PRO A 156 -11.76 -8.38 -16.26
N MET A 157 -11.80 -8.51 -17.60
CA MET A 157 -10.88 -9.37 -18.35
CA MET A 157 -10.87 -9.35 -18.37
C MET A 157 -9.41 -8.95 -18.16
N ASP A 158 -9.19 -7.76 -17.61
CA ASP A 158 -7.85 -7.22 -17.40
C ASP A 158 -7.27 -7.36 -15.99
N HIS A 159 -8.01 -7.99 -15.07
CA HIS A 159 -7.56 -8.17 -13.69
CA HIS A 159 -7.55 -8.15 -13.69
C HIS A 159 -6.29 -9.02 -13.59
N GLU A 160 -6.24 -10.11 -14.36
CA GLU A 160 -5.08 -11.01 -14.26
CA GLU A 160 -5.09 -11.04 -14.34
C GLU A 160 -3.79 -10.31 -14.71
N GLN A 161 -3.88 -9.51 -15.78
CA GLN A 161 -2.78 -8.66 -16.24
CA GLN A 161 -2.77 -8.67 -16.24
C GLN A 161 -2.22 -7.82 -15.10
N PHE A 162 -3.11 -7.16 -14.34
CA PHE A 162 -2.69 -6.27 -13.25
C PHE A 162 -1.97 -7.02 -12.13
N GLY A 163 -2.41 -8.23 -11.81
CA GLY A 163 -1.76 -9.04 -10.80
C GLY A 163 -0.41 -9.54 -11.25
N ASP A 164 -0.28 -9.81 -12.54
CA ASP A 164 1.01 -10.24 -13.08
C ASP A 164 2.00 -9.07 -13.02
N TRP A 165 1.53 -7.88 -13.39
CA TRP A 165 2.38 -6.68 -13.44
C TRP A 165 2.83 -6.20 -12.05
N SER A 166 1.92 -6.26 -11.07
CA SER A 166 2.25 -5.90 -9.69
CA SER A 166 2.24 -5.90 -9.69
C SER A 166 3.20 -6.93 -9.07
N GLY A 167 2.99 -8.20 -9.41
CA GLY A 167 3.84 -9.28 -8.90
C GLY A 167 5.28 -9.14 -9.34
N ALA A 168 5.47 -8.88 -10.63
CA ALA A 168 6.79 -8.70 -11.23
C ALA A 168 7.52 -7.49 -10.64
N LEU A 169 6.75 -6.44 -10.32
CA LEU A 169 7.28 -5.21 -9.78
C LEU A 169 7.76 -5.49 -8.39
N VAL A 170 6.91 -6.14 -7.60
CA VAL A 170 7.25 -6.48 -6.22
C VAL A 170 8.46 -7.42 -6.10
N ASP A 171 8.70 -8.28 -7.09
CA ASP A 171 9.83 -9.24 -7.07
CA ASP A 171 9.85 -9.21 -7.01
C ASP A 171 11.04 -8.82 -7.92
N ILE A 172 11.03 -7.58 -8.42
CA ILE A 172 12.12 -7.10 -9.26
C ILE A 172 13.47 -7.28 -8.55
N GLN A 173 14.50 -7.69 -9.29
CA GLN A 173 15.82 -7.85 -8.69
C GLN A 173 16.31 -6.48 -8.26
N MET A 174 16.64 -6.35 -6.98
CA MET A 174 16.94 -5.05 -6.39
C MET A 174 17.86 -5.08 -5.16
N ASP A 175 18.94 -4.39 -5.19
CA ASP A 175 19.77 -4.15 -4.02
C ASP A 175 20.12 -2.73 -3.54
N ASP A 176 20.77 -1.96 -4.40
CA ASP A 176 21.07 -0.56 -4.12
C ASP A 176 19.90 0.20 -4.78
N PRO A 177 19.06 0.88 -3.98
CA PRO A 177 17.88 1.58 -4.53
C PRO A 177 18.19 2.86 -5.31
N THR A 178 19.46 3.28 -5.31
CA THR A 178 19.88 4.44 -6.09
C THR A 178 20.53 4.07 -7.43
N ASP A 179 20.64 2.77 -7.71
CA ASP A 179 21.25 2.27 -8.94
C ASP A 179 20.43 2.75 -10.16
N PRO A 180 21.07 3.48 -11.10
CA PRO A 180 20.42 3.82 -12.38
C PRO A 180 19.79 2.61 -13.08
N ALA A 181 20.47 1.45 -13.04
CA ALA A 181 19.96 0.24 -13.68
C ALA A 181 18.65 -0.27 -13.06
N LEU A 182 18.46 -0.09 -11.75
CA LEU A 182 17.17 -0.46 -11.11
C LEU A 182 16.02 0.41 -11.67
N ALA A 183 16.28 1.71 -11.81
CA ALA A 183 15.28 2.64 -12.33
C ALA A 183 14.86 2.23 -13.75
N GLU A 184 15.85 1.83 -14.55
CA GLU A 184 15.60 1.34 -15.91
CA GLU A 184 15.54 1.36 -15.91
C GLU A 184 14.82 0.03 -15.90
N ARG A 185 15.19 -0.87 -15.00
CA ARG A 185 14.50 -2.15 -14.82
C ARG A 185 13.03 -1.97 -14.42
N ILE A 186 12.76 -1.06 -13.46
CA ILE A 186 11.37 -0.74 -13.08
C ILE A 186 10.59 -0.26 -14.30
N ALA A 187 11.17 0.69 -15.04
CA ALA A 187 10.58 1.21 -16.29
C ALA A 187 10.19 0.08 -17.25
N ASP A 188 11.10 -0.86 -17.46
CA ASP A 188 10.87 -1.98 -18.37
CA ASP A 188 10.83 -1.98 -18.37
C ASP A 188 9.75 -2.91 -17.86
N VAL A 189 9.76 -3.22 -16.55
CA VAL A 189 8.71 -4.08 -15.99
CA VAL A 189 8.72 -4.07 -15.94
C VAL A 189 7.32 -3.44 -16.07
N LEU A 190 7.26 -2.12 -15.94
CA LEU A 190 5.99 -1.40 -15.97
C LEU A 190 5.59 -0.90 -17.36
N ASN A 191 6.46 -1.09 -18.36
CA ASN A 191 6.20 -0.60 -19.73
CA ASN A 191 6.18 -0.57 -19.70
C ASN A 191 4.89 -1.13 -20.30
N PRO A 192 4.65 -2.47 -20.17
CA PRO A 192 3.37 -2.94 -20.71
C PRO A 192 2.15 -2.28 -20.05
N LEU A 193 2.23 -2.03 -18.74
CA LEU A 193 1.09 -1.48 -18.01
C LEU A 193 0.83 -0.03 -18.39
N THR A 194 1.92 0.75 -18.45
CA THR A 194 1.83 2.17 -18.78
CA THR A 194 1.82 2.16 -18.78
C THR A 194 1.30 2.34 -20.21
N ALA A 195 1.77 1.48 -21.13
CA ALA A 195 1.31 1.47 -22.52
C ALA A 195 -0.18 1.16 -22.61
N TYR A 196 -0.62 0.14 -21.87
CA TYR A 196 -2.04 -0.20 -21.78
C TYR A 196 -2.86 0.99 -21.28
N LEU A 197 -2.37 1.66 -20.24
CA LEU A 197 -3.11 2.77 -19.63
C LEU A 197 -3.10 4.01 -20.52
N LYS A 198 -2.00 4.18 -21.26
CA LYS A 198 -1.92 5.26 -22.24
CA LYS A 198 -1.87 5.22 -22.28
C LYS A 198 -2.99 5.10 -23.30
N ALA A 199 -3.24 3.87 -23.74
CA ALA A 199 -4.31 3.60 -24.71
C ALA A 199 -5.69 3.90 -24.13
N ARG A 200 -5.88 3.52 -22.86
CA ARG A 200 -7.15 3.76 -22.17
C ARG A 200 -7.39 5.26 -21.96
N CYS A 201 -6.32 6.02 -21.76
CA CYS A 201 -6.40 7.48 -21.61
C CYS A 201 -6.88 8.14 -22.92
N ALA A 202 -6.21 7.82 -24.03
CA ALA A 202 -6.61 8.28 -25.38
C ALA A 202 -8.06 7.94 -25.68
N GLU A 203 -8.46 6.72 -25.32
CA GLU A 203 -9.84 6.25 -25.42
CA GLU A 203 -9.85 6.27 -25.44
C GLU A 203 -10.83 7.11 -24.63
N ARG A 204 -10.48 7.46 -23.39
CA ARG A 204 -11.38 8.26 -22.54
C ARG A 204 -11.47 9.72 -22.98
N ARG A 205 -10.42 10.22 -23.61
CA ARG A 205 -10.44 11.58 -24.17
C ARG A 205 -11.56 11.70 -25.19
N ALA A 206 -11.71 10.67 -26.03
CA ALA A 206 -12.75 10.59 -27.06
C ALA A 206 -14.15 10.30 -26.49
N ASP A 207 -14.24 9.33 -25.57
CA ASP A 207 -15.51 8.89 -24.99
CA ASP A 207 -15.52 8.94 -24.99
C ASP A 207 -15.43 8.86 -23.46
N PRO A 208 -15.60 10.02 -22.80
CA PRO A 208 -15.46 10.02 -21.34
C PRO A 208 -16.65 9.40 -20.59
N GLY A 209 -16.37 8.76 -19.48
CA GLY A 209 -17.40 8.30 -18.55
C GLY A 209 -17.15 9.09 -17.29
N ASP A 210 -17.68 8.68 -16.16
N ASP A 210 -17.79 8.61 -16.23
CA ASP A 210 -17.31 9.47 -14.97
CA ASP A 210 -17.63 9.10 -14.87
C ASP A 210 -16.34 8.79 -14.02
C ASP A 210 -16.73 8.14 -14.06
N ASP A 211 -15.55 7.91 -14.61
CA ASP A 211 -14.48 7.17 -13.94
C ASP A 211 -13.30 8.11 -13.74
N LEU A 212 -12.25 7.61 -13.09
CA LEU A 212 -11.10 8.42 -12.72
C LEU A 212 -10.19 8.79 -13.87
N ILE A 213 -10.04 7.89 -14.83
CA ILE A 213 -9.25 8.18 -16.02
C ILE A 213 -9.84 9.36 -16.80
N SER A 214 -11.16 9.35 -16.96
CA SER A 214 -11.88 10.44 -17.65
C SER A 214 -11.57 11.75 -16.93
N ARG A 215 -11.70 11.77 -15.60
CA ARG A 215 -11.44 12.98 -14.82
CA ARG A 215 -11.42 12.96 -14.79
C ARG A 215 -9.99 13.45 -15.00
N LEU A 216 -9.07 12.54 -14.99
CA LEU A 216 -7.73 12.98 -15.18
CA LEU A 216 -7.67 12.77 -15.28
C LEU A 216 -7.34 13.44 -16.60
N VAL A 217 -7.89 12.86 -17.65
CA VAL A 217 -7.55 13.30 -19.00
C VAL A 217 -8.24 14.59 -19.43
N LEU A 218 -9.35 14.93 -18.76
CA LEU A 218 -10.09 16.15 -19.09
C LEU A 218 -9.73 17.33 -18.18
N ALA A 219 -8.94 17.07 -17.13
CA ALA A 219 -8.52 18.11 -16.17
C ALA A 219 -7.53 19.11 -16.75
N GLU A 220 -7.58 20.33 -16.22
CA GLU A 220 -6.57 21.32 -16.54
CA GLU A 220 -6.62 21.38 -16.54
C GLU A 220 -5.76 21.68 -15.31
N VAL A 221 -4.45 21.43 -15.41
CA VAL A 221 -3.52 21.64 -14.30
CA VAL A 221 -3.52 21.63 -14.29
C VAL A 221 -2.56 22.76 -14.63
N ASP A 222 -2.62 23.83 -13.83
CA ASP A 222 -1.78 25.01 -14.08
CA ASP A 222 -1.83 25.05 -14.07
C ASP A 222 -1.98 25.50 -15.53
N GLY A 223 -3.25 25.64 -15.95
CA GLY A 223 -3.60 26.19 -17.26
C GLY A 223 -3.71 25.29 -18.49
N ARG A 224 -3.27 24.05 -18.38
CA ARG A 224 -3.31 23.10 -19.51
CA ARG A 224 -3.35 23.11 -19.51
C ARG A 224 -3.63 21.66 -19.10
N ALA A 225 -4.10 20.86 -20.06
CA ALA A 225 -4.38 19.45 -19.83
C ALA A 225 -3.06 18.70 -19.60
N LEU A 226 -3.15 17.59 -18.86
CA LEU A 226 -2.01 16.70 -18.72
C LEU A 226 -1.66 16.14 -20.10
N ASP A 227 -0.38 16.12 -20.44
CA ASP A 227 -0.01 15.51 -21.70
C ASP A 227 -0.12 13.98 -21.60
N ASP A 228 0.03 13.29 -22.72
CA ASP A 228 -0.24 11.86 -22.77
CA ASP A 228 -0.23 11.85 -22.76
C ASP A 228 0.69 11.06 -21.84
N GLU A 229 1.92 11.53 -21.69
CA GLU A 229 2.89 10.90 -20.80
C GLU A 229 2.47 11.05 -19.35
N GLU A 230 2.21 12.28 -18.93
CA GLU A 230 1.71 12.62 -17.58
C GLU A 230 0.47 11.83 -17.15
N ALA A 231 -0.54 11.80 -18.02
CA ALA A 231 -1.80 11.12 -17.74
C ALA A 231 -1.63 9.59 -17.57
N ALA A 232 -0.81 8.97 -18.44
CA ALA A 232 -0.51 7.55 -18.35
C ALA A 232 0.28 7.22 -17.07
N ASN A 233 1.26 8.04 -16.73
CA ASN A 233 2.06 7.79 -15.52
C ASN A 233 1.23 7.98 -14.25
N PHE A 234 0.35 8.98 -14.26
CA PHE A 234 -0.56 9.24 -13.12
C PHE A 234 -1.56 8.07 -12.98
N SER A 235 -2.15 7.65 -14.10
CA SER A 235 -3.02 6.45 -14.15
C SER A 235 -2.33 5.21 -13.58
N THR A 236 -1.06 5.02 -13.96
CA THR A 236 -0.24 3.89 -13.50
C THR A 236 -0.08 3.93 -11.98
N ALA A 237 0.28 5.10 -11.44
CA ALA A 237 0.38 5.28 -9.98
C ALA A 237 -0.95 4.97 -9.27
N LEU A 238 -2.07 5.47 -9.80
CA LEU A 238 -3.38 5.20 -9.21
C LEU A 238 -3.75 3.72 -9.19
N LEU A 239 -3.46 3.01 -10.28
CA LEU A 239 -3.78 1.58 -10.38
C LEU A 239 -2.99 0.73 -9.39
N LEU A 240 -1.68 0.95 -9.35
CA LEU A 240 -0.83 0.21 -8.44
C LEU A 240 -1.15 0.54 -6.97
N ALA A 241 -1.30 1.83 -6.67
CA ALA A 241 -1.65 2.29 -5.33
C ALA A 241 -2.91 1.64 -4.81
N GLY A 242 -3.84 1.39 -5.72
CA GLY A 242 -5.19 0.97 -5.37
C GLY A 242 -5.39 -0.50 -5.05
N HIS A 243 -4.41 -1.39 -5.30
CA HIS A 243 -4.66 -2.80 -4.98
CA HIS A 243 -4.65 -2.82 -5.03
C HIS A 243 -3.60 -3.54 -4.15
N ILE A 244 -2.32 -3.32 -4.43
CA ILE A 244 -1.26 -4.13 -3.76
C ILE A 244 -1.35 -4.10 -2.22
N THR A 245 -1.36 -2.90 -1.65
CA THR A 245 -1.40 -2.74 -0.19
C THR A 245 -2.71 -3.20 0.46
N THR A 246 -3.83 -2.98 -0.23
CA THR A 246 -5.13 -3.44 0.26
C THR A 246 -5.16 -4.97 0.36
N THR A 247 -4.67 -5.62 -0.70
CA THR A 247 -4.47 -7.08 -0.70
C THR A 247 -3.62 -7.56 0.50
N VAL A 248 -2.48 -6.91 0.71
CA VAL A 248 -1.54 -7.25 1.80
C VAL A 248 -2.18 -7.04 3.19
N LEU A 249 -2.84 -5.90 3.39
CA LEU A 249 -3.55 -5.63 4.65
C LEU A 249 -4.58 -6.71 5.00
N LEU A 250 -5.40 -7.10 4.03
CA LEU A 250 -6.45 -8.10 4.32
C LEU A 250 -5.82 -9.40 4.82
N GLY A 251 -4.74 -9.82 4.16
CA GLY A 251 -3.96 -10.98 4.59
C GLY A 251 -3.43 -10.81 5.99
N ASN A 252 -2.82 -9.65 6.25
CA ASN A 252 -2.26 -9.33 7.55
C ASN A 252 -3.33 -9.29 8.64
N ILE A 253 -4.54 -8.84 8.29
CA ILE A 253 -5.63 -8.82 9.27
C ILE A 253 -5.95 -10.27 9.73
N VAL A 254 -6.17 -11.18 8.79
CA VAL A 254 -6.57 -12.55 9.13
C VAL A 254 -5.44 -13.25 9.88
N ARG A 255 -4.21 -13.07 9.40
CA ARG A 255 -3.02 -13.66 10.06
C ARG A 255 -2.79 -13.15 11.50
N THR A 256 -3.02 -11.86 11.72
CA THR A 256 -2.89 -11.29 13.07
C THR A 256 -4.01 -11.74 14.01
N LEU A 257 -5.26 -11.76 13.52
CA LEU A 257 -6.39 -12.31 14.31
C LEU A 257 -6.18 -13.78 14.69
N ASP A 258 -5.62 -14.55 13.76
CA ASP A 258 -5.23 -15.94 14.01
C ASP A 258 -4.23 -16.04 15.18
N GLU A 259 -3.33 -15.06 15.31
CA GLU A 259 -2.38 -15.04 16.44
C GLU A 259 -3.01 -14.55 17.74
N HIS A 260 -4.14 -13.85 17.64
CA HIS A 260 -4.84 -13.32 18.83
C HIS A 260 -6.33 -13.62 18.75
N PRO A 261 -6.69 -14.92 18.70
CA PRO A 261 -8.02 -15.31 18.24
C PRO A 261 -9.21 -14.92 19.12
N ALA A 262 -8.98 -14.48 20.35
CA ALA A 262 -10.07 -13.95 21.17
C ALA A 262 -10.82 -12.80 20.50
N HIS A 263 -10.14 -12.13 19.56
CA HIS A 263 -10.73 -11.02 18.84
C HIS A 263 -11.77 -11.42 17.80
N TRP A 264 -11.74 -12.69 17.34
CA TRP A 264 -12.74 -13.13 16.37
C TRP A 264 -14.10 -13.08 17.04
N ASP A 265 -14.16 -13.62 18.26
CA ASP A 265 -15.39 -13.70 19.05
CA ASP A 265 -15.45 -13.67 18.93
C ASP A 265 -15.94 -12.30 19.38
N ALA A 266 -15.04 -11.43 19.83
CA ALA A 266 -15.39 -10.06 20.18
C ALA A 266 -15.98 -9.30 18.98
N ALA A 267 -15.36 -9.43 17.80
CA ALA A 267 -15.90 -8.80 16.58
C ALA A 267 -17.23 -9.40 16.11
N ALA A 268 -17.43 -10.71 16.32
CA ALA A 268 -18.71 -11.35 16.02
C ALA A 268 -19.84 -10.82 16.91
N GLU A 269 -19.53 -10.58 18.18
CA GLU A 269 -20.49 -10.04 19.17
CA GLU A 269 -20.51 -10.06 19.12
C GLU A 269 -20.79 -8.57 18.89
N ASP A 270 -19.75 -7.84 18.44
CA ASP A 270 -19.83 -6.40 18.24
C ASP A 270 -18.99 -6.04 17.01
N PRO A 271 -19.59 -6.12 15.81
CA PRO A 271 -18.87 -5.78 14.57
C PRO A 271 -18.46 -4.30 14.51
N GLY A 272 -19.04 -3.47 15.37
CA GLY A 272 -18.59 -2.09 15.54
C GLY A 272 -17.11 -1.96 15.92
N ARG A 273 -16.49 -3.05 16.40
CA ARG A 273 -15.07 -3.12 16.80
CA ARG A 273 -15.07 -2.98 16.77
C ARG A 273 -14.11 -3.34 15.62
N ILE A 274 -14.66 -3.64 14.45
CA ILE A 274 -13.82 -4.00 13.29
C ILE A 274 -12.94 -2.83 12.80
N PRO A 275 -13.49 -1.58 12.76
CA PRO A 275 -12.59 -0.49 12.34
C PRO A 275 -11.35 -0.31 13.23
N ALA A 276 -11.51 -0.48 14.55
CA ALA A 276 -10.37 -0.45 15.49
C ALA A 276 -9.38 -1.59 15.25
N ILE A 277 -9.90 -2.76 14.90
CA ILE A 277 -9.03 -3.89 14.53
C ILE A 277 -8.20 -3.56 13.29
N VAL A 278 -8.88 -3.05 12.26
CA VAL A 278 -8.22 -2.61 11.04
C VAL A 278 -7.12 -1.59 11.32
N GLU A 279 -7.41 -0.55 12.12
CA GLU A 279 -6.35 0.44 12.49
C GLU A 279 -5.16 -0.22 13.20
N GLU A 280 -5.46 -1.14 14.12
CA GLU A 280 -4.40 -1.75 14.91
C GLU A 280 -3.54 -2.72 14.07
N VAL A 281 -4.15 -3.39 13.09
CA VAL A 281 -3.37 -4.25 12.16
C VAL A 281 -2.46 -3.37 11.29
N LEU A 282 -2.99 -2.24 10.82
CA LEU A 282 -2.19 -1.24 10.09
C LEU A 282 -0.95 -0.80 10.87
N ARG A 283 -1.12 -0.48 12.14
CA ARG A 283 0.02 -0.12 12.99
C ARG A 283 0.97 -1.31 13.18
N TYR A 284 0.42 -2.46 13.52
CA TYR A 284 1.19 -3.63 13.91
C TYR A 284 1.99 -4.22 12.76
N ARG A 285 1.33 -4.29 11.60
CA ARG A 285 1.92 -4.85 10.39
C ARG A 285 1.64 -3.98 9.15
N PRO A 286 2.29 -2.80 9.04
CA PRO A 286 2.05 -1.93 7.86
C PRO A 286 2.43 -2.66 6.57
N PRO A 287 1.50 -2.67 5.58
CA PRO A 287 1.81 -3.26 4.27
C PRO A 287 3.09 -2.71 3.60
N PHE A 288 3.31 -1.40 3.71
CA PHE A 288 4.44 -0.71 3.12
C PHE A 288 5.29 -0.25 4.32
N PRO A 289 6.32 -1.03 4.69
CA PRO A 289 7.02 -0.81 5.96
C PRO A 289 8.08 0.31 5.92
N GLN A 290 8.42 0.78 4.72
CA GLN A 290 9.43 1.81 4.51
C GLN A 290 9.13 2.65 3.25
N MET A 291 9.60 3.90 3.25
CA MET A 291 9.43 4.81 2.12
CA MET A 291 9.48 4.76 2.09
C MET A 291 10.70 5.65 1.98
N GLN A 292 11.00 6.10 0.77
CA GLN A 292 12.22 6.87 0.54
C GLN A 292 11.96 8.35 0.27
N ARG A 293 12.94 9.15 0.68
CA ARG A 293 13.03 10.57 0.35
C ARG A 293 14.43 10.85 -0.20
N THR A 294 14.65 12.05 -0.74
CA THR A 294 16.01 12.52 -1.04
C THR A 294 16.27 13.90 -0.43
N THR A 295 17.47 14.10 0.13
CA THR A 295 17.82 15.40 0.75
C THR A 295 18.18 16.42 -0.33
N THR A 296 17.61 17.62 -0.18
CA THR A 296 17.82 18.71 -1.14
C THR A 296 18.99 19.59 -0.69
N LYS A 297 19.40 19.38 0.57
CA LYS A 297 20.43 20.19 1.24
CA LYS A 297 20.46 20.16 1.22
C LYS A 297 20.98 19.40 2.44
N ALA A 298 22.12 19.86 2.97
CA ALA A 298 22.69 19.30 4.19
C ALA A 298 21.70 19.49 5.32
N THR A 299 21.50 18.44 6.12
CA THR A 299 20.51 18.48 7.17
C THR A 299 20.88 17.52 8.31
N GLU A 300 20.17 17.60 9.42
CA GLU A 300 20.43 16.70 10.53
CA GLU A 300 20.43 16.76 10.58
C GLU A 300 19.14 16.13 11.08
N VAL A 301 19.19 14.85 11.44
CA VAL A 301 18.06 14.18 12.08
C VAL A 301 18.59 13.63 13.39
N ALA A 302 17.95 13.97 14.50
CA ALA A 302 18.36 13.48 15.81
C ALA A 302 19.85 13.81 16.07
N GLY A 303 20.28 14.98 15.59
CA GLY A 303 21.66 15.42 15.74
C GLY A 303 22.67 14.72 14.85
N VAL A 304 22.23 13.80 14.00
CA VAL A 304 23.12 13.09 13.09
C VAL A 304 23.24 13.86 11.77
N PRO A 305 24.48 14.19 11.34
CA PRO A 305 24.58 15.00 10.12
C PRO A 305 24.36 14.18 8.84
N ILE A 306 23.45 14.64 7.98
CA ILE A 306 23.16 13.96 6.71
C ILE A 306 23.51 14.94 5.57
N PRO A 307 24.32 14.49 4.60
CA PRO A 307 24.62 15.41 3.49
C PRO A 307 23.48 15.64 2.52
N ALA A 308 23.66 16.66 1.68
CA ALA A 308 22.82 16.92 0.51
C ALA A 308 22.88 15.80 -0.50
N ASP A 309 21.79 15.67 -1.25
CA ASP A 309 21.71 14.77 -2.41
C ASP A 309 21.97 13.31 -2.06
N VAL A 310 21.42 12.86 -0.92
CA VAL A 310 21.38 11.43 -0.65
C VAL A 310 19.95 10.93 -0.43
N MET A 311 19.79 9.61 -0.57
CA MET A 311 18.51 8.94 -0.34
C MET A 311 18.34 8.62 1.15
N VAL A 312 17.12 8.83 1.63
CA VAL A 312 16.73 8.57 3.01
C VAL A 312 15.58 7.56 3.01
N ASN A 313 15.66 6.58 3.91
CA ASN A 313 14.67 5.51 4.04
C ASN A 313 14.02 5.64 5.40
N THR A 314 12.74 6.02 5.42
CA THR A 314 11.99 6.11 6.68
C THR A 314 11.28 4.78 6.96
N TRP A 315 11.63 4.15 8.09
CA TRP A 315 11.02 2.89 8.50
C TRP A 315 9.72 3.12 9.27
N VAL A 316 8.60 3.13 8.56
CA VAL A 316 7.28 3.14 9.18
C VAL A 316 7.10 1.96 10.15
N LEU A 317 7.56 0.79 9.75
CA LEU A 317 7.43 -0.39 10.61
C LEU A 317 8.10 -0.18 11.99
N SER A 318 9.27 0.46 12.00
CA SER A 318 10.01 0.72 13.25
C SER A 318 9.36 1.83 14.06
N ALA A 319 8.88 2.86 13.37
CA ALA A 319 8.13 3.93 14.01
C ALA A 319 6.89 3.39 14.72
N ASN A 320 6.16 2.48 14.05
CA ASN A 320 4.94 1.89 14.61
C ASN A 320 5.15 1.05 15.85
N ARG A 321 6.36 0.50 16.00
CA ARG A 321 6.76 -0.29 17.17
C ARG A 321 7.64 0.46 18.18
N ASP A 322 7.74 1.79 18.04
CA ASP A 322 8.56 2.64 18.92
C ASP A 322 7.82 2.92 20.23
N SER A 323 8.41 2.50 21.37
CA SER A 323 7.78 2.65 22.70
C SER A 323 7.57 4.11 23.16
N ASP A 324 8.30 5.05 22.57
CA ASP A 324 8.08 6.47 22.83
C ASP A 324 6.80 6.99 22.19
N ALA A 325 6.34 6.29 21.16
CA ALA A 325 5.11 6.65 20.46
C ALA A 325 3.89 5.82 20.91
N HIS A 326 4.10 4.56 21.25
CA HIS A 326 3.02 3.62 21.57
C HIS A 326 3.41 2.81 22.79
N ASP A 327 2.63 2.93 23.87
CA ASP A 327 2.84 2.11 25.10
C ASP A 327 2.69 0.64 24.74
N ASP A 328 3.59 -0.19 25.29
CA ASP A 328 3.61 -1.62 25.03
CA ASP A 328 3.62 -1.63 25.01
C ASP A 328 3.45 -1.89 23.52
N PRO A 329 4.40 -1.41 22.70
CA PRO A 329 4.22 -1.32 21.23
C PRO A 329 4.10 -2.65 20.51
N ASP A 330 4.65 -3.71 21.10
CA ASP A 330 4.58 -5.03 20.50
C ASP A 330 3.36 -5.86 20.91
N ARG A 331 2.46 -5.28 21.72
CA ARG A 331 1.16 -5.88 21.98
CA ARG A 331 1.16 -5.88 21.98
C ARG A 331 0.15 -5.51 20.90
N PHE A 332 -0.53 -6.52 20.35
CA PHE A 332 -1.65 -6.25 19.46
C PHE A 332 -2.84 -5.81 20.31
N ASP A 333 -3.29 -4.56 20.14
CA ASP A 333 -4.33 -4.04 21.01
C ASP A 333 -5.28 -3.06 20.30
N PRO A 334 -6.39 -3.57 19.76
CA PRO A 334 -7.38 -2.70 19.13
C PRO A 334 -7.95 -1.58 20.00
N SER A 335 -7.81 -1.66 21.32
CA SER A 335 -8.29 -0.57 22.19
C SER A 335 -7.38 0.67 22.22
N ARG A 336 -6.25 0.61 21.51
CA ARG A 336 -5.38 1.79 21.34
C ARG A 336 -6.15 2.94 20.74
N LYS A 337 -5.90 4.16 21.18
N LYS A 337 -5.85 4.12 21.24
CA LYS A 337 -6.72 5.30 20.71
CA LYS A 337 -6.49 5.36 20.82
C LYS A 337 -6.32 5.88 19.34
C LYS A 337 -5.62 6.03 19.76
N SER A 338 -5.32 5.26 18.70
CA SER A 338 -4.67 5.77 17.50
C SER A 338 -5.44 5.37 16.23
N GLY A 339 -5.31 6.18 15.18
CA GLY A 339 -6.08 6.02 13.93
C GLY A 339 -6.32 7.35 13.23
N GLY A 340 -7.23 7.38 12.26
CA GLY A 340 -7.46 8.57 11.45
C GLY A 340 -6.22 9.12 10.74
N ALA A 341 -6.02 10.44 10.85
CA ALA A 341 -4.89 11.14 10.25
C ALA A 341 -3.56 10.76 10.88
N ALA A 342 -3.61 10.21 12.10
CA ALA A 342 -2.43 9.79 12.83
C ALA A 342 -1.98 8.36 12.51
N GLN A 343 -2.62 7.76 11.51
CA GLN A 343 -2.25 6.41 11.04
C GLN A 343 -1.00 6.49 10.16
N LEU A 344 0.17 6.28 10.76
CA LEU A 344 1.44 6.40 10.05
C LEU A 344 1.60 5.42 8.87
N SER A 345 0.85 4.34 8.88
CA SER A 345 0.93 3.32 7.83
C SER A 345 0.36 3.81 6.50
N PHE A 346 -0.32 4.97 6.53
CA PHE A 346 -0.85 5.66 5.34
C PHE A 346 0.02 6.87 5.01
N GLY A 347 1.13 7.00 5.75
CA GLY A 347 2.05 8.10 5.53
C GLY A 347 1.72 9.23 6.49
N HIS A 348 2.18 10.43 6.15
CA HIS A 348 2.14 11.57 7.08
C HIS A 348 2.47 12.88 6.33
N GLY A 349 1.61 13.89 6.48
CA GLY A 349 1.80 15.15 5.72
C GLY A 349 1.16 15.16 4.35
N VAL A 350 1.81 15.82 3.38
CA VAL A 350 1.16 16.15 2.10
C VAL A 350 0.84 14.95 1.19
N HIS A 351 1.66 13.90 1.27
CA HIS A 351 1.43 12.67 0.48
C HIS A 351 0.55 11.63 1.19
N PHE A 352 -0.01 11.97 2.36
CA PHE A 352 -0.86 11.03 3.11
C PHE A 352 -1.87 10.36 2.19
N CYS A 353 -1.96 9.03 2.29
CA CYS A 353 -2.71 8.20 1.36
C CYS A 353 -4.07 8.76 0.95
N LEU A 354 -4.20 9.03 -0.33
CA LEU A 354 -5.45 9.52 -0.89
C LEU A 354 -6.54 8.45 -0.76
N GLY A 355 -6.13 7.19 -0.77
CA GLY A 355 -7.05 6.04 -0.74
C GLY A 355 -7.46 5.54 0.64
N ALA A 356 -7.02 6.23 1.70
CA ALA A 356 -7.26 5.76 3.08
C ALA A 356 -8.72 5.42 3.41
N PRO A 357 -9.69 6.33 3.13
CA PRO A 357 -11.11 5.98 3.37
C PRO A 357 -11.52 4.71 2.61
N LEU A 358 -11.04 4.58 1.37
CA LEU A 358 -11.36 3.41 0.56
C LEU A 358 -10.71 2.14 1.12
N ALA A 359 -9.42 2.20 1.43
CA ALA A 359 -8.75 1.05 2.06
C ALA A 359 -9.47 0.59 3.34
N ARG A 360 -9.87 1.55 4.17
CA ARG A 360 -10.55 1.27 5.43
C ARG A 360 -11.91 0.61 5.21
N LEU A 361 -12.67 1.12 4.24
CA LEU A 361 -13.98 0.51 3.88
C LEU A 361 -13.84 -0.93 3.33
N GLU A 362 -12.93 -1.15 2.39
CA GLU A 362 -12.76 -2.47 1.79
C GLU A 362 -12.39 -3.48 2.87
N ASN A 363 -11.48 -3.10 3.75
CA ASN A 363 -11.06 -4.01 4.81
C ASN A 363 -12.10 -4.23 5.92
N ARG A 364 -12.86 -3.17 6.25
CA ARG A 364 -13.99 -3.34 7.17
C ARG A 364 -15.04 -4.32 6.62
N VAL A 365 -15.45 -4.10 5.38
CA VAL A 365 -16.44 -4.96 4.72
C VAL A 365 -15.93 -6.40 4.57
N ALA A 366 -14.65 -6.54 4.16
CA ALA A 366 -14.09 -7.90 4.04
C ALA A 366 -14.12 -8.69 5.36
N LEU A 367 -13.72 -8.06 6.46
CA LEU A 367 -13.73 -8.75 7.74
C LEU A 367 -15.15 -9.04 8.24
N GLU A 368 -16.07 -8.09 8.05
CA GLU A 368 -17.49 -8.32 8.34
C GLU A 368 -18.02 -9.57 7.65
N GLU A 369 -17.74 -9.68 6.36
CA GLU A 369 -18.24 -10.77 5.50
C GLU A 369 -17.58 -12.11 5.81
N ILE A 370 -16.28 -12.09 6.12
CA ILE A 370 -15.57 -13.27 6.62
C ILE A 370 -16.24 -13.78 7.91
N ILE A 371 -16.47 -12.88 8.86
CA ILE A 371 -17.07 -13.26 10.15
C ILE A 371 -18.52 -13.71 9.97
N ALA A 372 -19.27 -13.01 9.11
CA ALA A 372 -20.66 -13.41 8.83
C ALA A 372 -20.76 -14.83 8.26
N ARG A 373 -19.91 -15.16 7.28
CA ARG A 373 -19.93 -16.47 6.66
C ARG A 373 -19.32 -17.58 7.55
N PHE A 374 -18.11 -17.35 8.07
CA PHE A 374 -17.31 -18.41 8.73
C PHE A 374 -17.20 -18.32 10.24
N GLY A 375 -17.50 -17.14 10.80
CA GLY A 375 -17.25 -16.87 12.22
C GLY A 375 -15.79 -16.61 12.49
N ARG A 376 -14.92 -17.48 11.96
CA ARG A 376 -13.47 -17.30 12.04
CA ARG A 376 -13.47 -17.32 12.08
C ARG A 376 -12.74 -18.13 10.99
N LEU A 377 -11.50 -17.75 10.69
CA LEU A 377 -10.64 -18.49 9.79
C LEU A 377 -9.36 -18.83 10.57
N THR A 378 -8.88 -20.07 10.40
CA THR A 378 -7.60 -20.47 11.00
C THR A 378 -6.57 -20.51 9.85
N VAL A 379 -5.39 -19.95 10.08
CA VAL A 379 -4.30 -20.05 9.12
C VAL A 379 -3.72 -21.47 9.15
N ASP A 380 -3.58 -22.09 7.97
CA ASP A 380 -2.96 -23.42 7.89
C ASP A 380 -1.45 -23.23 7.72
N ARG A 381 -0.73 -23.32 8.83
CA ARG A 381 0.72 -23.09 8.87
CA ARG A 381 0.71 -23.07 8.81
C ARG A 381 1.54 -24.21 8.24
N ASP A 382 0.91 -25.34 7.97
CA ASP A 382 1.60 -26.49 7.37
C ASP A 382 1.36 -26.59 5.87
N ASP A 383 0.57 -25.67 5.34
CA ASP A 383 0.29 -25.63 3.93
C ASP A 383 1.43 -24.84 3.30
N GLU A 384 2.05 -25.44 2.29
CA GLU A 384 3.28 -24.89 1.73
C GLU A 384 3.09 -23.64 0.89
N ARG A 385 1.84 -23.33 0.57
CA ARG A 385 1.57 -22.12 -0.17
C ARG A 385 1.84 -20.88 0.70
N LEU A 386 1.85 -21.05 2.03
CA LEU A 386 2.14 -19.92 2.92
CA LEU A 386 2.14 -19.94 2.93
C LEU A 386 3.60 -19.48 2.78
N ARG A 387 3.79 -18.37 2.07
CA ARG A 387 5.11 -17.79 1.87
C ARG A 387 4.99 -16.27 2.00
N HIS A 388 5.93 -15.67 2.70
CA HIS A 388 6.04 -14.21 2.85
C HIS A 388 6.69 -13.54 1.62
N PHE A 389 6.32 -12.29 1.36
CA PHE A 389 7.02 -11.49 0.35
C PHE A 389 8.44 -11.29 0.86
N GLU A 390 9.43 -11.41 -0.04
CA GLU A 390 10.83 -11.31 0.37
CA GLU A 390 10.84 -11.31 0.28
C GLU A 390 11.32 -9.86 0.49
N GLN A 391 10.64 -8.92 -0.17
CA GLN A 391 11.05 -7.51 -0.17
C GLN A 391 9.88 -6.57 -0.42
N ILE A 392 10.13 -5.29 -0.15
CA ILE A 392 9.23 -4.16 -0.50
C ILE A 392 7.95 -4.06 0.35
N VAL A 393 7.18 -5.12 0.44
CA VAL A 393 5.96 -5.12 1.29
C VAL A 393 6.09 -6.08 2.47
N LEU A 394 5.27 -5.85 3.50
CA LEU A 394 5.24 -6.73 4.66
C LEU A 394 3.97 -7.56 4.68
N GLY A 395 4.07 -8.82 4.22
CA GLY A 395 2.90 -9.71 4.19
C GLY A 395 3.21 -11.07 3.58
N THR A 396 2.13 -11.78 3.23
CA THR A 396 2.22 -13.11 2.64
C THR A 396 1.68 -13.15 1.21
N ARG A 397 2.40 -13.82 0.30
CA ARG A 397 1.97 -13.97 -1.10
CA ARG A 397 1.97 -13.99 -1.10
C ARG A 397 0.67 -14.78 -1.21
N HIS A 398 0.52 -15.76 -0.32
CA HIS A 398 -0.68 -16.57 -0.20
C HIS A 398 -0.89 -16.87 1.29
N LEU A 399 -2.15 -17.01 1.68
CA LEU A 399 -2.51 -17.32 3.07
C LEU A 399 -3.56 -18.44 3.07
N PRO A 400 -3.10 -19.69 3.06
CA PRO A 400 -4.04 -20.82 3.17
C PRO A 400 -4.78 -20.79 4.50
N VAL A 401 -6.12 -20.84 4.42
CA VAL A 401 -6.95 -20.77 5.62
C VAL A 401 -7.92 -21.96 5.70
N LEU A 402 -8.40 -22.21 6.91
CA LEU A 402 -9.39 -23.24 7.20
C LEU A 402 -10.59 -22.58 7.88
N ALA A 403 -11.80 -22.91 7.42
CA ALA A 403 -13.01 -22.29 7.97
C ALA A 403 -13.43 -22.82 9.36
N GLY A 404 -13.89 -21.91 10.22
N GLY A 404 -13.88 -21.90 10.22
CA GLY A 404 -14.40 -22.31 11.52
CA GLY A 404 -14.36 -22.27 11.55
C GLY A 404 -15.72 -23.07 11.37
C GLY A 404 -15.87 -22.26 11.59
N SER A 405 -16.74 -22.35 10.92
N SER A 405 -16.49 -23.01 10.68
CA SER A 405 -18.05 -22.95 10.64
CA SER A 405 -17.95 -23.05 10.59
C SER A 405 -18.64 -22.25 9.42
C SER A 405 -18.41 -22.31 9.34
N SER A 406 -19.07 -23.03 8.43
CA SER A 406 -19.51 -22.42 7.16
C SER A 406 -20.94 -22.89 6.88
N PRO A 407 -21.66 -22.16 6.01
CA PRO A 407 -23.00 -22.54 5.58
C PRO A 407 -23.04 -23.87 4.82
N ARG A 408 -21.87 -24.41 4.42
CA ARG A 408 -21.81 -25.64 3.67
C ARG A 408 -22.02 -26.92 4.52
N GLN A 409 -21.79 -26.82 5.83
CA GLN A 409 -21.88 -27.99 6.72
C GLN A 409 -23.32 -28.49 6.93
N SER A 410 -23.53 -29.81 6.84
CA SER A 410 -24.89 -30.38 6.91
C SER A 410 -24.95 -31.69 7.71
N ALA A 411 -26.15 -32.08 8.12
CA ALA A 411 -26.32 -33.36 8.84
C ALA A 411 -26.14 -34.55 7.89
#